data_3LFJ
#
_entry.id   3LFJ
#
_cell.length_a   81.300
_cell.length_b   81.300
_cell.length_c   170.831
_cell.angle_alpha   90.00
_cell.angle_beta   90.00
_cell.angle_gamma   120.00
#
_symmetry.space_group_name_H-M   'H 3'
#
loop_
_entity.id
_entity.type
_entity.pdbx_description
1 polymer 'Phosphotransferase system, mannose/fructose/N-acetylgalactosamine-specific component IIB'
2 water water
#
_entity_poly.entity_id   1
_entity_poly.type   'polypeptide(L)'
_entity_poly.pdbx_seq_one_letter_code
;MGSSHHHHHHSSGLVPRGSHMWKIVFARIDDRLIHGQVMTRWMKGFPEASIVIIDDELAVDEFMKNIYTMAAPPGVKVKV
FGVDAALKEWSQKTSVEEKVFLLFKNIDTCKRVMDGGLPITTLNIGGVAKTPQRKGISQSVSLSEDEVKTLLELKTKYNV
DVYLQMIPDSEKIHLTTVVEKYFPELK
;
_entity_poly.pdbx_strand_id   A,B
#
# COMPACT_ATOMS: atom_id res chain seq x y z
N SER A 19 19.44 -1.96 11.18
CA SER A 19 17.99 -2.00 10.98
C SER A 19 17.25 -1.43 12.19
N HIS A 20 16.01 -1.01 11.96
CA HIS A 20 15.18 -0.57 13.07
C HIS A 20 14.93 -1.74 14.01
N MET A 21 14.78 -1.42 15.28
CA MET A 21 14.61 -2.43 16.32
C MET A 21 13.47 -3.40 16.00
N TRP A 22 12.41 -2.89 15.40
CA TRP A 22 11.24 -3.71 15.07
C TRP A 22 11.04 -3.82 13.58
N LYS A 23 10.70 -5.03 13.12
CA LYS A 23 10.10 -5.23 11.81
C LYS A 23 8.60 -5.45 12.01
N ILE A 24 7.80 -4.56 11.44
CA ILE A 24 6.36 -4.60 11.67
C ILE A 24 5.72 -5.58 10.70
N VAL A 25 5.25 -6.71 11.22
CA VAL A 25 4.68 -7.74 10.33
C VAL A 25 3.18 -7.59 10.12
N PHE A 26 2.52 -6.86 11.03
CA PHE A 26 1.08 -6.67 10.94
C PHE A 26 0.71 -5.58 11.92
N ALA A 27 -0.45 -4.96 11.72
CA ALA A 27 -0.99 -4.01 12.70
C ALA A 27 -2.49 -4.17 12.75
N ARG A 28 -3.04 -4.14 13.95
CA ARG A 28 -4.46 -4.39 14.15
C ARG A 28 -5.01 -3.43 15.20
N ILE A 29 -6.23 -2.96 14.96
CA ILE A 29 -6.96 -2.15 15.94
C ILE A 29 -8.08 -2.99 16.51
N ASP A 30 -8.09 -3.17 17.83
CA ASP A 30 -9.17 -3.91 18.49
C ASP A 30 -9.31 -3.35 19.88
N ASP A 31 -10.45 -2.71 20.15
CA ASP A 31 -10.61 -2.03 21.43
C ASP A 31 -10.68 -2.96 22.64
N ARG A 32 -10.74 -4.26 22.38
CA ARG A 32 -10.66 -5.24 23.43
CA ARG A 32 -10.66 -5.24 23.43
C ARG A 32 -9.32 -6.01 23.48
N LEU A 33 -8.41 -5.55 22.61
CA LEU A 33 -7.01 -6.03 22.64
C LEU A 33 -6.85 -7.55 22.60
N ILE A 34 -6.27 -8.14 23.64
CA ILE A 34 -6.13 -9.58 23.68
C ILE A 34 -7.32 -10.19 24.43
N HIS A 35 -8.23 -10.79 23.67
CA HIS A 35 -9.45 -11.34 24.24
C HIS A 35 -9.83 -12.65 23.57
N GLY A 36 -10.41 -13.57 24.35
CA GLY A 36 -10.80 -14.87 23.82
C GLY A 36 -9.65 -15.55 23.10
N GLN A 37 -9.96 -16.18 21.98
CA GLN A 37 -8.94 -16.88 21.18
C GLN A 37 -8.48 -16.07 19.99
N VAL A 38 -8.97 -14.84 19.88
CA VAL A 38 -8.74 -14.05 18.67
C VAL A 38 -7.27 -13.89 18.31
N MET A 39 -6.44 -13.50 19.28
CA MET A 39 -5.04 -13.28 18.96
C MET A 39 -4.29 -14.60 18.78
N THR A 40 -4.79 -15.67 19.38
CA THR A 40 -4.18 -16.97 19.17
C THR A 40 -4.33 -17.34 17.69
N ARG A 41 -5.51 -17.07 17.14
CA ARG A 41 -5.74 -17.27 15.72
C ARG A 41 -4.83 -16.39 14.85
N TRP A 42 -4.78 -15.10 15.15
CA TRP A 42 -3.95 -14.18 14.36
C TRP A 42 -2.47 -14.55 14.38
N MET A 43 -1.96 -14.93 15.55
CA MET A 43 -0.51 -15.14 15.66
C MET A 43 -0.04 -16.39 14.95
N LYS A 44 -0.95 -17.31 14.66
CA LYS A 44 -0.55 -18.50 13.89
C LYS A 44 0.00 -18.14 12.51
N GLY A 45 -0.42 -16.98 11.99
CA GLY A 45 0.09 -16.47 10.74
C GLY A 45 1.42 -15.73 10.83
N PHE A 46 1.92 -15.54 12.06
CA PHE A 46 3.15 -14.77 12.27
C PHE A 46 3.98 -15.47 13.32
N PRO A 47 4.48 -16.66 12.98
CA PRO A 47 5.14 -17.62 13.87
C PRO A 47 6.28 -17.07 14.74
N GLU A 48 7.04 -16.12 14.22
CA GLU A 48 8.21 -15.65 14.96
C GLU A 48 8.01 -14.30 15.65
N ALA A 49 6.80 -13.77 15.56
CA ALA A 49 6.53 -12.42 16.05
C ALA A 49 6.05 -12.36 17.49
N SER A 50 6.31 -11.21 18.12
CA SER A 50 5.75 -10.94 19.42
CA SER A 50 5.80 -10.88 19.43
C SER A 50 4.62 -9.95 19.24
N ILE A 51 3.79 -9.82 20.27
CA ILE A 51 2.69 -8.84 20.24
C ILE A 51 3.16 -7.58 20.97
N VAL A 52 3.09 -6.45 20.30
CA VAL A 52 3.39 -5.18 20.92
C VAL A 52 2.11 -4.37 20.94
N ILE A 53 1.60 -4.12 22.15
CA ILE A 53 0.44 -3.26 22.33
C ILE A 53 0.93 -1.85 22.56
N ILE A 54 0.43 -0.93 21.74
CA ILE A 54 0.79 0.49 21.91
C ILE A 54 -0.45 1.23 22.37
N ASP A 55 -0.43 1.68 23.63
CA ASP A 55 -1.55 2.40 24.22
C ASP A 55 -1.09 3.13 25.47
N ASP A 56 -1.38 4.43 25.56
CA ASP A 56 -0.91 5.21 26.71
C ASP A 56 -1.63 4.82 27.99
N GLU A 57 -2.90 4.44 27.89
CA GLU A 57 -3.66 4.04 29.10
C GLU A 57 -3.13 2.70 29.60
N LEU A 58 -2.97 1.73 28.72
CA LEU A 58 -2.53 0.41 29.19
C LEU A 58 -1.11 0.48 29.75
N ALA A 59 -0.29 1.38 29.21
CA ALA A 59 1.10 1.43 29.63
C ALA A 59 1.27 1.68 31.11
N VAL A 60 0.30 2.34 31.70
CA VAL A 60 0.39 2.61 33.15
C VAL A 60 -0.52 1.74 33.99
N ASP A 61 -1.29 0.85 33.34
CA ASP A 61 -2.34 0.04 33.99
C ASP A 61 -1.81 -1.37 34.27
N GLU A 62 -1.29 -1.57 35.47
CA GLU A 62 -0.66 -2.84 35.78
C GLU A 62 -1.65 -4.00 35.81
N PHE A 63 -2.88 -3.73 36.24
CA PHE A 63 -3.88 -4.78 36.32
C PHE A 63 -4.17 -5.33 34.92
N MET A 64 -4.42 -4.44 33.97
CA MET A 64 -4.76 -4.91 32.63
C MET A 64 -3.54 -5.43 31.89
N LYS A 65 -2.35 -4.90 32.17
CA LYS A 65 -1.16 -5.47 31.57
C LYS A 65 -1.03 -6.94 31.96
N ASN A 66 -1.30 -7.25 33.22
CA ASN A 66 -1.26 -8.65 33.66
C ASN A 66 -2.35 -9.48 32.98
N ILE A 67 -3.58 -8.94 32.93
CA ILE A 67 -4.68 -9.65 32.26
C ILE A 67 -4.31 -10.01 30.80
N TYR A 68 -3.82 -9.03 30.05
CA TYR A 68 -3.52 -9.28 28.64
C TYR A 68 -2.32 -10.20 28.47
N THR A 69 -1.34 -10.10 29.36
CA THR A 69 -0.16 -10.97 29.30
C THR A 69 -0.59 -12.42 29.54
N MET A 70 -1.47 -12.63 30.51
CA MET A 70 -1.97 -13.97 30.82
CA MET A 70 -1.94 -13.98 30.81
C MET A 70 -2.84 -14.55 29.72
N ALA A 71 -3.49 -13.67 28.95
CA ALA A 71 -4.43 -14.06 27.91
C ALA A 71 -3.73 -14.31 26.58
N ALA A 72 -2.43 -14.05 26.55
CA ALA A 72 -1.66 -14.13 25.31
C ALA A 72 -1.61 -15.56 24.83
N PRO A 73 -1.41 -15.73 23.51
CA PRO A 73 -1.27 -17.07 22.94
C PRO A 73 -0.09 -17.79 23.56
N PRO A 74 -0.22 -19.10 23.77
CA PRO A 74 0.94 -19.85 24.27
C PRO A 74 2.17 -19.59 23.42
N GLY A 75 3.28 -19.30 24.07
CA GLY A 75 4.55 -19.13 23.37
C GLY A 75 4.72 -17.82 22.63
N VAL A 76 3.87 -16.84 22.93
CA VAL A 76 3.96 -15.53 22.29
C VAL A 76 4.18 -14.45 23.34
N LYS A 77 5.28 -13.70 23.19
CA LYS A 77 5.59 -12.62 24.11
C LYS A 77 4.67 -11.43 23.87
N VAL A 78 4.30 -10.75 24.95
CA VAL A 78 3.52 -9.52 24.88
C VAL A 78 4.30 -8.41 25.56
N LYS A 79 4.42 -7.27 24.87
CA LYS A 79 5.05 -6.09 25.44
C LYS A 79 4.11 -4.92 25.26
N VAL A 80 4.11 -4.00 26.22
CA VAL A 80 3.23 -2.84 26.17
C VAL A 80 4.06 -1.57 26.21
N PHE A 81 3.76 -0.66 25.30
CA PHE A 81 4.44 0.64 25.25
C PHE A 81 3.43 1.75 25.14
N GLY A 82 3.74 2.89 25.77
CA GLY A 82 3.06 4.12 25.40
C GLY A 82 3.51 4.57 24.02
N VAL A 83 2.82 5.57 23.47
CA VAL A 83 3.15 6.06 22.12
C VAL A 83 4.59 6.58 22.01
N ASP A 84 4.98 7.48 22.90
CA ASP A 84 6.33 8.03 22.79
C ASP A 84 7.38 6.96 22.98
N ALA A 85 7.17 6.05 23.94
CA ALA A 85 8.13 4.97 24.17
C ALA A 85 8.23 4.01 22.98
N ALA A 86 7.10 3.74 22.33
CA ALA A 86 7.12 2.90 21.13
C ALA A 86 7.93 3.55 20.03
N LEU A 87 7.70 4.84 19.81
CA LEU A 87 8.45 5.54 18.76
C LEU A 87 9.95 5.55 19.09
N LYS A 88 10.29 5.73 20.36
CA LYS A 88 11.69 5.75 20.76
C LYS A 88 12.34 4.37 20.53
N GLU A 89 11.62 3.31 20.88
CA GLU A 89 12.16 1.95 20.76
C GLU A 89 12.37 1.59 19.29
N TRP A 90 11.36 1.88 18.48
CA TRP A 90 11.43 1.52 17.07
C TRP A 90 12.57 2.29 16.41
N SER A 91 12.84 3.49 16.88
CA SER A 91 13.85 4.35 16.26
C SER A 91 15.27 3.81 16.45
N GLN A 92 15.47 2.97 17.46
CA GLN A 92 16.80 2.45 17.75
C GLN A 92 17.29 1.51 16.67
N LYS A 93 18.56 1.44 16.37
CA LYS A 93 19.12 0.58 15.34
C LYS A 93 19.72 -0.69 15.95
N THR A 94 19.66 -1.73 15.32
CA THR A 94 20.12 -2.99 15.86
C THR A 94 20.56 -3.93 14.75
N SER A 95 21.40 -4.90 15.08
CA SER A 95 21.81 -5.86 14.06
C SER A 95 20.78 -6.96 13.85
N VAL A 96 19.92 -7.18 14.81
CA VAL A 96 18.93 -8.25 14.75
C VAL A 96 17.55 -7.65 15.06
N GLU A 97 16.72 -7.53 14.05
CA GLU A 97 15.40 -6.95 14.23
C GLU A 97 14.45 -7.94 14.93
N GLU A 98 13.48 -7.41 15.65
CA GLU A 98 12.46 -8.25 16.26
C GLU A 98 11.18 -8.13 15.44
N LYS A 99 10.60 -9.25 15.02
CA LYS A 99 9.31 -9.22 14.32
C LYS A 99 8.19 -8.91 15.31
N VAL A 100 7.41 -7.88 14.99
CA VAL A 100 6.32 -7.47 15.89
C VAL A 100 4.97 -7.33 15.19
N PHE A 101 3.94 -7.79 15.91
CA PHE A 101 2.54 -7.65 15.48
C PHE A 101 2.02 -6.52 16.37
N LEU A 102 1.74 -5.36 15.77
CA LEU A 102 1.26 -4.21 16.54
C LEU A 102 -0.23 -4.32 16.81
N LEU A 103 -0.60 -4.08 18.06
CA LEU A 103 -2.00 -4.10 18.46
C LEU A 103 -2.34 -2.76 19.12
N PHE A 104 -3.33 -2.07 18.57
CA PHE A 104 -3.80 -0.79 19.14
C PHE A 104 -5.21 -0.96 19.65
N LYS A 105 -5.55 -0.19 20.68
CA LYS A 105 -6.92 -0.15 21.16
C LYS A 105 -7.84 0.69 20.25
N ASN A 106 -7.29 1.72 19.61
CA ASN A 106 -8.11 2.64 18.87
C ASN A 106 -7.36 3.29 17.71
N ILE A 107 -8.15 3.88 16.79
CA ILE A 107 -7.61 4.53 15.62
C ILE A 107 -6.71 5.71 15.95
N ASP A 108 -7.11 6.51 16.94
CA ASP A 108 -6.30 7.66 17.28
C ASP A 108 -4.86 7.32 17.68
N THR A 109 -4.69 6.24 18.44
CA THR A 109 -3.34 5.90 18.86
C THR A 109 -2.53 5.43 17.67
N CYS A 110 -3.17 4.71 16.76
CA CYS A 110 -2.50 4.31 15.53
C CYS A 110 -2.08 5.55 14.72
N LYS A 111 -2.99 6.52 14.58
CA LYS A 111 -2.67 7.76 13.88
C LYS A 111 -1.48 8.47 14.52
N ARG A 112 -1.47 8.56 15.85
CA ARG A 112 -0.34 9.20 16.51
C ARG A 112 1.00 8.54 16.19
N VAL A 113 1.06 7.21 16.18
CA VAL A 113 2.32 6.55 15.88
C VAL A 113 2.70 6.68 14.42
N MET A 114 1.72 6.62 13.52
CA MET A 114 2.05 6.81 12.11
C MET A 114 2.49 8.25 11.86
N ASP A 115 1.83 9.21 12.49
CA ASP A 115 2.27 10.61 12.39
C ASP A 115 3.67 10.82 12.96
N GLY A 116 4.07 9.97 13.90
CA GLY A 116 5.40 10.00 14.47
C GLY A 116 6.46 9.28 13.68
N GLY A 117 6.06 8.69 12.54
CA GLY A 117 7.00 8.09 11.61
C GLY A 117 7.10 6.58 11.61
N LEU A 118 6.29 5.93 12.43
CA LEU A 118 6.33 4.48 12.47
CA LEU A 118 6.27 4.46 12.49
C LEU A 118 5.60 3.92 11.24
N PRO A 119 6.33 3.12 10.44
CA PRO A 119 5.78 2.68 9.16
C PRO A 119 4.88 1.49 9.34
N ILE A 120 3.61 1.71 9.07
CA ILE A 120 2.64 0.64 9.06
C ILE A 120 2.13 0.47 7.63
N THR A 121 2.20 -0.75 7.12
CA THR A 121 1.87 -1.01 5.71
C THR A 121 0.47 -1.58 5.55
N THR A 122 0.02 -2.34 6.54
CA THR A 122 -1.31 -2.96 6.53
C THR A 122 -1.94 -2.71 7.89
N LEU A 123 -3.19 -2.28 7.87
CA LEU A 123 -3.90 -1.97 9.10
C LEU A 123 -5.23 -2.69 9.08
N ASN A 124 -5.37 -3.66 9.99
CA ASN A 124 -6.56 -4.48 10.13
C ASN A 124 -7.46 -3.91 11.21
N ILE A 125 -8.67 -3.50 10.85
CA ILE A 125 -9.64 -3.02 11.84
C ILE A 125 -10.41 -4.23 12.38
N GLY A 126 -10.09 -4.64 13.60
CA GLY A 126 -10.61 -5.87 14.18
C GLY A 126 -11.79 -5.72 15.13
N GLY A 127 -11.81 -4.63 15.89
CA GLY A 127 -12.85 -4.44 16.90
C GLY A 127 -13.01 -2.99 17.25
N VAL A 128 -14.21 -2.45 17.01
CA VAL A 128 -14.54 -1.09 17.40
C VAL A 128 -16.00 -1.13 17.84
N ALA A 129 -16.24 -0.91 19.14
CA ALA A 129 -17.58 -1.10 19.68
C ALA A 129 -18.55 -0.02 19.18
N LYS A 130 -19.80 -0.39 19.07
CA LYS A 130 -20.84 0.56 18.70
C LYS A 130 -21.04 1.63 19.78
N THR A 131 -21.20 2.88 19.33
CA THR A 131 -21.62 3.97 20.21
C THR A 131 -22.63 4.74 19.37
N PRO A 132 -23.39 5.66 19.99
CA PRO A 132 -24.40 6.36 19.19
C PRO A 132 -23.80 7.13 18.02
N GLN A 133 -22.55 7.54 18.15
CA GLN A 133 -21.86 8.33 17.13
C GLN A 133 -21.29 7.48 15.99
N ARG A 134 -21.36 6.17 16.13
CA ARG A 134 -20.82 5.26 15.13
C ARG A 134 -21.91 4.56 14.37
N LYS A 135 -21.63 4.25 13.12
CA LYS A 135 -22.51 3.47 12.27
C LYS A 135 -22.08 2.01 12.35
N GLY A 136 -23.04 1.11 12.54
CA GLY A 136 -22.77 -0.32 12.56
C GLY A 136 -22.34 -0.82 11.20
N ILE A 137 -21.27 -1.62 11.15
CA ILE A 137 -20.81 -2.19 9.90
C ILE A 137 -20.85 -3.70 9.98
N SER A 138 -20.25 -4.24 11.05
CA SER A 138 -20.25 -5.67 11.30
C SER A 138 -20.46 -5.93 12.79
N GLN A 139 -20.60 -7.21 13.15
CA GLN A 139 -20.73 -7.57 14.55
C GLN A 139 -19.55 -7.06 15.36
N SER A 140 -18.37 -6.96 14.74
CA SER A 140 -17.20 -6.54 15.50
C SER A 140 -16.83 -5.07 15.32
N VAL A 141 -17.29 -4.45 14.23
CA VAL A 141 -16.85 -3.09 13.94
C VAL A 141 -17.97 -2.10 13.61
N SER A 142 -17.97 -0.98 14.32
CA SER A 142 -18.77 0.20 13.97
C SER A 142 -17.82 1.38 13.87
N LEU A 143 -18.13 2.35 13.00
CA LEU A 143 -17.22 3.49 12.80
C LEU A 143 -18.01 4.79 12.62
N SER A 144 -17.48 5.89 13.15
CA SER A 144 -18.11 7.19 12.88
C SER A 144 -17.60 7.70 11.55
N GLU A 145 -18.30 8.69 11.01
CA GLU A 145 -17.85 9.34 9.81
C GLU A 145 -16.45 9.94 10.01
N ASP A 146 -16.20 10.55 11.16
CA ASP A 146 -14.87 11.11 11.44
C ASP A 146 -13.80 10.03 11.45
N GLU A 147 -14.14 8.87 11.99
CA GLU A 147 -13.17 7.78 12.03
C GLU A 147 -12.83 7.29 10.64
N VAL A 148 -13.84 7.17 9.78
CA VAL A 148 -13.60 6.75 8.42
C VAL A 148 -12.74 7.78 7.68
N LYS A 149 -13.00 9.07 7.93
CA LYS A 149 -12.18 10.14 7.37
C LYS A 149 -10.72 10.00 7.81
N THR A 150 -10.49 9.64 9.04
CA THR A 150 -9.14 9.41 9.56
C THR A 150 -8.48 8.22 8.88
N LEU A 151 -9.21 7.16 8.68
CA LEU A 151 -8.63 6.01 8.03
C LEU A 151 -8.24 6.32 6.58
N LEU A 152 -9.10 7.09 5.91
CA LEU A 152 -8.82 7.53 4.54
C LEU A 152 -7.57 8.39 4.50
N GLU A 153 -7.41 9.25 5.50
CA GLU A 153 -6.23 10.11 5.58
C GLU A 153 -4.95 9.30 5.78
N LEU A 154 -5.01 8.26 6.60
CA LEU A 154 -3.86 7.39 6.76
C LEU A 154 -3.49 6.69 5.44
N LYS A 155 -4.51 6.22 4.72
CA LYS A 155 -4.30 5.60 3.41
C LYS A 155 -3.66 6.59 2.43
N THR A 156 -4.19 7.80 2.38
CA THR A 156 -3.67 8.82 1.47
C THR A 156 -2.23 9.23 1.79
N LYS A 157 -1.95 9.48 3.06
CA LYS A 157 -0.64 9.97 3.47
C LYS A 157 0.43 8.90 3.49
N TYR A 158 0.07 7.69 3.92
CA TYR A 158 1.05 6.67 4.23
C TYR A 158 0.94 5.40 3.38
N ASN A 159 -0.07 5.37 2.50
CA ASN A 159 -0.29 4.22 1.62
C ASN A 159 -0.56 2.92 2.38
N VAL A 160 -1.20 3.05 3.54
CA VAL A 160 -1.57 1.87 4.30
C VAL A 160 -2.78 1.16 3.68
N ASP A 161 -2.70 -0.17 3.62
CA ASP A 161 -3.82 -0.97 3.17
C ASP A 161 -4.71 -1.22 4.38
N VAL A 162 -5.90 -0.64 4.36
CA VAL A 162 -6.82 -0.73 5.49
C VAL A 162 -7.99 -1.63 5.17
N TYR A 163 -8.25 -2.60 6.04
CA TYR A 163 -9.43 -3.44 5.92
C TYR A 163 -9.98 -3.91 7.25
N LEU A 164 -11.27 -4.20 7.27
CA LEU A 164 -11.95 -4.76 8.43
C LEU A 164 -11.93 -6.26 8.33
N GLN A 165 -11.54 -6.92 9.41
CA GLN A 165 -11.57 -8.37 9.48
C GLN A 165 -11.41 -8.83 10.91
N MET A 166 -12.34 -9.65 11.39
CA MET A 166 -12.35 -10.02 12.79
C MET A 166 -11.25 -11.03 13.12
N ILE A 167 -11.24 -12.14 12.37
CA ILE A 167 -10.23 -13.18 12.51
C ILE A 167 -9.76 -13.60 11.11
N PRO A 168 -8.67 -14.36 11.04
CA PRO A 168 -8.08 -14.57 9.72
C PRO A 168 -8.99 -15.23 8.69
N ASP A 169 -9.98 -16.00 9.15
CA ASP A 169 -10.84 -16.72 8.22
C ASP A 169 -12.23 -16.11 8.08
N SER A 170 -12.44 -14.95 8.71
CA SER A 170 -13.74 -14.29 8.58
C SER A 170 -13.78 -13.25 7.45
N GLU A 171 -14.96 -12.67 7.20
CA GLU A 171 -15.12 -11.71 6.11
C GLU A 171 -14.17 -10.50 6.17
N LYS A 172 -13.55 -10.20 5.05
CA LYS A 172 -12.66 -9.06 4.89
CA LYS A 172 -12.66 -9.06 4.90
C LYS A 172 -13.35 -7.99 4.06
N ILE A 173 -13.47 -6.78 4.62
CA ILE A 173 -14.07 -5.66 3.91
C ILE A 173 -13.07 -4.53 3.77
N HIS A 174 -12.65 -4.21 2.54
CA HIS A 174 -11.70 -3.12 2.36
C HIS A 174 -12.31 -1.76 2.68
N LEU A 175 -11.45 -0.81 3.06
CA LEU A 175 -11.88 0.53 3.41
C LEU A 175 -12.74 1.16 2.30
N THR A 176 -12.31 1.00 1.05
CA THR A 176 -13.04 1.61 -0.06
C THR A 176 -14.49 1.11 -0.12
N THR A 177 -14.67 -0.17 0.18
CA THR A 177 -15.99 -0.79 0.20
C THR A 177 -16.83 -0.26 1.35
N VAL A 178 -16.17 -0.01 2.48
CA VAL A 178 -16.84 0.56 3.63
C VAL A 178 -17.44 1.92 3.28
N VAL A 179 -16.64 2.76 2.62
CA VAL A 179 -17.10 4.08 2.27
C VAL A 179 -18.27 4.00 1.29
N GLU A 180 -18.10 3.20 0.25
CA GLU A 180 -19.13 3.06 -0.78
C GLU A 180 -20.48 2.59 -0.24
N LYS A 181 -20.47 1.60 0.65
CA LYS A 181 -21.70 1.02 1.16
C LYS A 181 -22.29 1.70 2.39
N TYR A 182 -21.43 2.19 3.28
CA TYR A 182 -21.88 2.67 4.58
C TYR A 182 -21.77 4.17 4.79
N PHE A 183 -20.94 4.83 3.98
CA PHE A 183 -20.74 6.27 4.10
C PHE A 183 -20.64 6.95 2.72
N PRO A 184 -21.64 6.68 1.85
CA PRO A 184 -21.63 7.18 0.47
C PRO A 184 -21.35 8.68 0.42
N GLU A 185 -20.11 9.03 0.05
CA GLU A 185 -19.66 10.42 0.05
C GLU A 185 -18.17 10.49 -0.26
N SER B 19 10.45 19.82 -1.02
CA SER B 19 9.75 18.69 -1.62
C SER B 19 10.51 18.13 -2.82
N HIS B 20 10.32 16.84 -3.09
CA HIS B 20 10.90 16.25 -4.27
C HIS B 20 10.30 16.90 -5.51
N MET B 21 11.08 16.94 -6.57
CA MET B 21 10.67 17.60 -7.81
C MET B 21 9.32 17.08 -8.31
N TRP B 22 9.08 15.77 -8.15
CA TRP B 22 7.85 15.16 -8.63
C TRP B 22 6.99 14.64 -7.49
N LYS B 23 5.68 14.84 -7.60
CA LYS B 23 4.72 14.08 -6.81
C LYS B 23 4.09 13.03 -7.73
N ILE B 24 4.28 11.76 -7.38
CA ILE B 24 3.85 10.68 -8.25
C ILE B 24 2.39 10.39 -7.98
N VAL B 25 1.53 10.70 -8.95
CA VAL B 25 0.10 10.50 -8.73
C VAL B 25 -0.40 9.15 -9.21
N PHE B 26 0.38 8.50 -10.09
CA PHE B 26 0.00 7.20 -10.63
C PHE B 26 1.21 6.63 -11.33
N ALA B 27 1.22 5.31 -11.52
CA ALA B 27 2.25 4.64 -12.31
C ALA B 27 1.61 3.50 -13.08
N ARG B 28 1.97 3.39 -14.35
CA ARG B 28 1.38 2.41 -15.24
C ARG B 28 2.45 1.76 -16.10
N ILE B 29 2.30 0.46 -16.35
CA ILE B 29 3.18 -0.26 -17.28
C ILE B 29 2.35 -0.59 -18.51
N ASP B 30 2.82 -0.16 -19.67
CA ASP B 30 2.12 -0.45 -20.92
C ASP B 30 3.18 -0.48 -22.00
N ASP B 31 3.40 -1.66 -22.58
CA ASP B 31 4.50 -1.79 -23.54
C ASP B 31 4.27 -1.04 -24.85
N ARG B 32 3.08 -0.48 -25.03
CA ARG B 32 2.78 0.36 -26.18
CA ARG B 32 2.84 0.37 -26.18
C ARG B 32 2.67 1.84 -25.78
N LEU B 33 2.97 2.12 -24.50
CA LEU B 33 3.06 3.51 -24.01
C LEU B 33 1.85 4.38 -24.34
N ILE B 34 2.04 5.44 -25.12
CA ILE B 34 0.93 6.31 -25.50
C ILE B 34 0.36 5.83 -26.84
N HIS B 35 -0.81 5.21 -26.77
CA HIS B 35 -1.42 4.64 -27.96
C HIS B 35 -2.94 4.79 -27.93
N GLY B 36 -3.54 4.98 -29.10
CA GLY B 36 -4.98 5.13 -29.17
C GLY B 36 -5.47 6.24 -28.24
N GLN B 37 -6.61 6.01 -27.61
CA GLN B 37 -7.16 6.99 -26.67
C GLN B 37 -6.89 6.60 -25.23
N VAL B 38 -6.08 5.56 -25.02
CA VAL B 38 -5.93 5.01 -23.69
C VAL B 38 -5.44 6.03 -22.67
N MET B 39 -4.40 6.77 -22.99
CA MET B 39 -3.87 7.75 -22.05
C MET B 39 -4.76 8.98 -21.91
N THR B 40 -5.56 9.27 -22.94
CA THR B 40 -6.52 10.37 -22.84
C THR B 40 -7.55 10.02 -21.76
N ARG B 41 -7.98 8.76 -21.75
CA ARG B 41 -8.88 8.29 -20.70
C ARG B 41 -8.22 8.35 -19.32
N TRP B 42 -7.01 7.83 -19.19
CA TRP B 42 -6.36 7.82 -17.88
C TRP B 42 -6.12 9.23 -17.34
N MET B 43 -5.71 10.16 -18.20
CA MET B 43 -5.35 11.48 -17.69
C MET B 43 -6.53 12.30 -17.22
N LYS B 44 -7.73 11.93 -17.64
CA LYS B 44 -8.93 12.63 -17.13
C LYS B 44 -9.03 12.54 -15.62
N GLY B 45 -8.46 11.48 -15.05
CA GLY B 45 -8.47 11.28 -13.61
C GLY B 45 -7.36 12.00 -12.87
N PHE B 46 -6.45 12.65 -13.62
CA PHE B 46 -5.30 13.33 -13.03
C PHE B 46 -5.09 14.67 -13.73
N PRO B 47 -6.04 15.59 -13.53
CA PRO B 47 -6.19 16.89 -14.20
C PRO B 47 -4.93 17.75 -14.33
N GLU B 48 -4.10 17.80 -13.29
CA GLU B 48 -2.99 18.73 -13.28
C GLU B 48 -1.64 18.05 -13.55
N ALA B 49 -1.70 16.75 -13.86
CA ALA B 49 -0.46 15.98 -14.02
C ALA B 49 0.09 15.97 -15.44
N SER B 50 1.39 15.77 -15.53
CA SER B 50 2.01 15.51 -16.80
CA SER B 50 2.11 15.51 -16.77
C SER B 50 2.34 14.03 -16.90
N ILE B 51 2.65 13.59 -18.10
CA ILE B 51 3.06 12.20 -18.33
C ILE B 51 4.58 12.15 -18.38
N VAL B 52 5.18 11.32 -17.54
CA VAL B 52 6.61 11.10 -17.56
C VAL B 52 6.82 9.65 -17.95
N ILE B 53 7.41 9.44 -19.12
CA ILE B 53 7.78 8.10 -19.57
C ILE B 53 9.20 7.86 -19.15
N ILE B 54 9.42 6.76 -18.44
CA ILE B 54 10.77 6.40 -18.03
C ILE B 54 11.14 5.13 -18.79
N ASP B 55 12.10 5.27 -19.71
CA ASP B 55 12.56 4.16 -20.51
C ASP B 55 13.90 4.53 -21.17
N ASP B 56 14.91 3.66 -21.00
CA ASP B 56 16.23 3.96 -21.53
C ASP B 56 16.24 3.93 -23.05
N GLU B 57 15.45 3.05 -23.66
CA GLU B 57 15.41 2.98 -25.14
C GLU B 57 14.72 4.22 -25.71
N LEU B 58 13.59 4.61 -25.14
CA LEU B 58 12.87 5.75 -25.72
C LEU B 58 13.69 7.02 -25.53
N ALA B 59 14.47 7.06 -24.46
CA ALA B 59 15.18 8.29 -24.14
C ALA B 59 16.12 8.72 -25.24
N VAL B 60 16.59 7.76 -26.02
CA VAL B 60 17.51 8.09 -27.12
C VAL B 60 16.85 8.02 -28.48
N ASP B 61 15.55 7.69 -28.53
CA ASP B 61 14.83 7.42 -29.78
C ASP B 61 13.99 8.63 -30.17
N GLU B 62 14.56 9.48 -31.01
CA GLU B 62 13.89 10.74 -31.32
C GLU B 62 12.60 10.53 -32.12
N PHE B 63 12.59 9.52 -32.99
CA PHE B 63 11.41 9.22 -33.79
C PHE B 63 10.23 8.89 -32.90
N MET B 64 10.43 7.96 -31.97
CA MET B 64 9.33 7.55 -31.11
C MET B 64 8.98 8.60 -30.06
N LYS B 65 9.96 9.38 -29.61
CA LYS B 65 9.64 10.48 -28.70
C LYS B 65 8.66 11.41 -29.41
N ASN B 66 8.89 11.67 -30.69
CA ASN B 66 7.96 12.54 -31.42
C ASN B 66 6.59 11.88 -31.58
N ILE B 67 6.57 10.60 -31.95
CA ILE B 67 5.29 9.89 -32.09
C ILE B 67 4.47 9.97 -30.79
N TYR B 68 5.10 9.66 -29.66
CA TYR B 68 4.37 9.68 -28.40
C TYR B 68 3.95 11.08 -27.97
N THR B 69 4.78 12.08 -28.25
CA THR B 69 4.44 13.46 -27.89
C THR B 69 3.20 13.90 -28.69
N MET B 70 3.17 13.57 -29.98
CA MET B 70 2.03 13.90 -30.84
CA MET B 70 2.03 13.91 -30.84
C MET B 70 0.77 13.14 -30.49
N ALA B 71 0.93 11.96 -29.89
CA ALA B 71 -0.19 11.09 -29.54
C ALA B 71 -0.77 11.44 -28.17
N ALA B 72 -0.12 12.37 -27.47
CA ALA B 72 -0.48 12.70 -26.12
C ALA B 72 -1.85 13.34 -26.06
N PRO B 73 -2.53 13.20 -24.92
CA PRO B 73 -3.83 13.84 -24.73
C PRO B 73 -3.72 15.34 -24.89
N PRO B 74 -4.73 15.97 -25.50
CA PRO B 74 -4.70 17.43 -25.61
C PRO B 74 -4.48 18.05 -24.24
N GLY B 75 -3.55 19.01 -24.17
CA GLY B 75 -3.32 19.75 -22.95
C GLY B 75 -2.47 19.04 -21.90
N VAL B 76 -1.86 17.92 -22.28
CA VAL B 76 -1.04 17.15 -21.35
C VAL B 76 0.39 17.07 -21.83
N LYS B 77 1.31 17.57 -21.01
CA LYS B 77 2.73 17.55 -21.33
C LYS B 77 3.28 16.14 -21.20
N VAL B 78 4.21 15.79 -22.11
CA VAL B 78 4.91 14.51 -22.06
C VAL B 78 6.40 14.76 -21.96
N LYS B 79 7.05 14.08 -21.01
CA LYS B 79 8.50 14.18 -20.85
C LYS B 79 9.03 12.77 -20.83
N VAL B 80 10.23 12.58 -21.38
CA VAL B 80 10.85 11.26 -21.43
C VAL B 80 12.19 11.31 -20.73
N PHE B 81 12.43 10.34 -19.85
CA PHE B 81 13.70 10.22 -19.13
C PHE B 81 14.21 8.80 -19.20
N GLY B 82 15.53 8.66 -19.25
CA GLY B 82 16.13 7.38 -18.92
C GLY B 82 16.04 7.13 -17.42
N VAL B 83 16.35 5.92 -17.00
CA VAL B 83 16.24 5.57 -15.57
C VAL B 83 17.11 6.45 -14.69
N ASP B 84 18.39 6.57 -15.02
CA ASP B 84 19.28 7.35 -14.17
C ASP B 84 18.84 8.80 -14.13
N ALA B 85 18.45 9.35 -15.28
CA ALA B 85 18.01 10.75 -15.32
C ALA B 85 16.73 10.98 -14.53
N ALA B 86 15.82 10.01 -14.55
CA ALA B 86 14.58 10.12 -13.79
C ALA B 86 14.89 10.14 -12.30
N LEU B 87 15.77 9.25 -11.86
CA LEU B 87 16.14 9.23 -10.45
C LEU B 87 16.81 10.55 -10.05
N LYS B 88 17.67 11.07 -10.90
CA LYS B 88 18.33 12.35 -10.60
C LYS B 88 17.33 13.49 -10.50
N GLU B 89 16.37 13.53 -11.42
CA GLU B 89 15.39 14.62 -11.44
C GLU B 89 14.50 14.56 -10.21
N TRP B 90 14.00 13.37 -9.91
CA TRP B 90 13.12 13.21 -8.77
C TRP B 90 13.84 13.58 -7.48
N SER B 91 15.14 13.32 -7.42
CA SER B 91 15.90 13.54 -6.19
C SER B 91 16.04 15.04 -5.85
N GLN B 92 15.87 15.89 -6.84
CA GLN B 92 16.05 17.33 -6.63
C GLN B 92 14.94 17.89 -5.76
N LYS B 93 15.29 18.88 -4.94
CA LYS B 93 14.31 19.50 -4.07
C LYS B 93 13.82 20.83 -4.66
N THR B 94 12.55 21.11 -4.46
CA THR B 94 11.93 22.28 -5.06
C THR B 94 10.81 22.80 -4.17
N SER B 95 10.45 24.07 -4.35
CA SER B 95 9.36 24.61 -3.55
C SER B 95 7.98 24.26 -4.13
N VAL B 96 7.92 23.98 -5.42
CA VAL B 96 6.67 23.60 -6.05
C VAL B 96 6.82 22.28 -6.79
N GLU B 97 6.14 21.24 -6.29
CA GLU B 97 6.24 19.94 -6.92
C GLU B 97 5.43 19.90 -8.22
N GLU B 98 5.85 19.02 -9.13
CA GLU B 98 5.10 18.76 -10.35
C GLU B 98 4.39 17.43 -10.19
N LYS B 99 3.07 17.40 -10.42
CA LYS B 99 2.34 16.14 -10.40
C LYS B 99 2.65 15.34 -11.66
N VAL B 100 3.07 14.09 -11.47
CA VAL B 100 3.44 13.25 -12.62
C VAL B 100 2.76 11.88 -12.61
N PHE B 101 2.34 11.47 -13.80
CA PHE B 101 1.78 10.14 -14.06
C PHE B 101 2.93 9.38 -14.73
N LEU B 102 3.52 8.42 -14.02
CA LEU B 102 4.64 7.66 -14.59
C LEU B 102 4.15 6.57 -15.52
N LEU B 103 4.79 6.48 -16.68
CA LEU B 103 4.47 5.45 -17.66
C LEU B 103 5.75 4.70 -18.01
N PHE B 104 5.73 3.39 -17.81
CA PHE B 104 6.86 2.50 -18.13
C PHE B 104 6.47 1.58 -19.26
N LYS B 105 7.44 1.19 -20.07
CA LYS B 105 7.21 0.18 -21.10
C LYS B 105 7.16 -1.25 -20.53
N ASN B 106 7.90 -1.48 -19.45
CA ASN B 106 8.05 -2.82 -18.94
C ASN B 106 8.30 -2.86 -17.44
N ILE B 107 8.09 -4.04 -16.87
CA ILE B 107 8.27 -4.25 -15.43
C ILE B 107 9.70 -4.02 -14.99
N ASP B 108 10.67 -4.48 -15.77
CA ASP B 108 12.05 -4.32 -15.37
C ASP B 108 12.46 -2.87 -15.14
N THR B 109 11.98 -1.97 -16.00
CA THR B 109 12.35 -0.58 -15.84
C THR B 109 11.72 0.01 -14.59
N CYS B 110 10.48 -0.38 -14.31
CA CYS B 110 9.84 0.01 -13.08
C CYS B 110 10.62 -0.51 -11.86
N LYS B 111 11.04 -1.77 -11.90
CA LYS B 111 11.83 -2.32 -10.81
C LYS B 111 13.11 -1.52 -10.60
N ARG B 112 13.79 -1.18 -11.69
CA ARG B 112 15.02 -0.42 -11.56
C ARG B 112 14.80 0.92 -10.87
N VAL B 113 13.71 1.60 -11.21
CA VAL B 113 13.45 2.89 -10.59
C VAL B 113 13.03 2.74 -9.13
N MET B 114 12.27 1.71 -8.82
CA MET B 114 11.89 1.52 -7.42
C MET B 114 13.11 1.09 -6.60
N ASP B 115 13.95 0.24 -7.17
CA ASP B 115 15.20 -0.15 -6.47
C ASP B 115 16.13 1.05 -6.27
N GLY B 116 15.98 2.07 -7.10
CA GLY B 116 16.74 3.30 -6.96
C GLY B 116 16.14 4.31 -6.00
N GLY B 117 15.00 3.97 -5.41
CA GLY B 117 14.42 4.78 -4.35
C GLY B 117 13.23 5.63 -4.74
N LEU B 118 12.79 5.55 -5.98
CA LEU B 118 11.64 6.33 -6.38
CA LEU B 118 11.62 6.29 -6.42
C LEU B 118 10.36 5.66 -5.83
N PRO B 119 9.59 6.42 -5.05
CA PRO B 119 8.44 5.84 -4.35
C PRO B 119 7.26 5.74 -5.28
N ILE B 120 6.84 4.51 -5.54
CA ILE B 120 5.63 4.28 -6.28
C ILE B 120 4.67 3.53 -5.36
N THR B 121 3.47 4.07 -5.21
CA THR B 121 2.52 3.52 -4.25
C THR B 121 1.49 2.61 -4.91
N THR B 122 1.16 2.91 -6.17
CA THR B 122 0.20 2.14 -6.94
C THR B 122 0.80 1.87 -8.30
N LEU B 123 0.71 0.63 -8.76
CA LEU B 123 1.26 0.24 -10.05
C LEU B 123 0.19 -0.49 -10.84
N ASN B 124 -0.22 0.13 -11.94
CA ASN B 124 -1.25 -0.40 -12.82
C ASN B 124 -0.59 -1.11 -13.99
N ILE B 125 -0.84 -2.41 -14.13
CA ILE B 125 -0.33 -3.16 -15.28
C ILE B 125 -1.35 -3.03 -16.40
N GLY B 126 -1.03 -2.23 -17.42
CA GLY B 126 -1.96 -1.90 -18.48
C GLY B 126 -1.83 -2.67 -19.78
N GLY B 127 -0.59 -3.01 -20.14
CA GLY B 127 -0.34 -3.69 -21.41
C GLY B 127 0.97 -4.45 -21.37
N VAL B 128 0.89 -5.77 -21.56
CA VAL B 128 2.08 -6.60 -21.65
C VAL B 128 1.73 -7.64 -22.73
N ALA B 129 2.41 -7.61 -23.87
CA ALA B 129 2.03 -8.47 -24.98
C ALA B 129 2.36 -9.93 -24.70
N LYS B 130 1.57 -10.80 -25.31
CA LYS B 130 1.83 -12.23 -25.22
C LYS B 130 3.14 -12.60 -25.90
N THR B 131 3.90 -13.47 -25.25
CA THR B 131 5.03 -14.15 -25.89
C THR B 131 4.90 -15.59 -25.43
N PRO B 132 5.67 -16.50 -26.06
CA PRO B 132 5.53 -17.90 -25.65
C PRO B 132 5.84 -18.12 -24.17
N GLN B 133 6.68 -17.26 -23.58
CA GLN B 133 7.09 -17.40 -22.19
C GLN B 133 6.08 -16.83 -21.19
N ARG B 134 5.05 -16.19 -21.70
CA ARG B 134 4.03 -15.57 -20.85
C ARG B 134 2.72 -16.32 -20.91
N LYS B 135 2.01 -16.29 -19.79
CA LYS B 135 0.66 -16.83 -19.71
C LYS B 135 -0.35 -15.73 -19.99
N GLY B 136 -1.33 -16.02 -20.85
CA GLY B 136 -2.40 -15.07 -21.13
C GLY B 136 -3.28 -14.85 -19.92
N ILE B 137 -3.59 -13.58 -19.63
CA ILE B 137 -4.48 -13.26 -18.52
C ILE B 137 -5.69 -12.51 -19.03
N SER B 138 -5.44 -11.45 -19.79
CA SER B 138 -6.48 -10.65 -20.41
C SER B 138 -6.08 -10.29 -21.83
N GLN B 139 -6.99 -9.65 -22.57
CA GLN B 139 -6.66 -9.19 -23.92
C GLN B 139 -5.46 -8.25 -23.90
N SER B 140 -5.28 -7.51 -22.80
CA SER B 140 -4.18 -6.55 -22.77
C SER B 140 -2.93 -7.05 -22.06
N VAL B 141 -3.07 -8.03 -21.18
CA VAL B 141 -1.95 -8.44 -20.35
C VAL B 141 -1.70 -9.95 -20.33
N SER B 142 -0.46 -10.32 -20.62
CA SER B 142 0.07 -11.66 -20.37
C SER B 142 1.32 -11.50 -19.51
N LEU B 143 1.61 -12.48 -18.65
CA LEU B 143 2.75 -12.37 -17.75
C LEU B 143 3.45 -13.72 -17.60
N SER B 144 4.76 -13.70 -17.48
CA SER B 144 5.50 -14.93 -17.18
C SER B 144 5.50 -15.16 -15.68
N GLU B 145 5.81 -16.38 -15.27
CA GLU B 145 5.96 -16.69 -13.87
C GLU B 145 7.03 -15.78 -13.24
N ASP B 146 8.14 -15.55 -13.94
CA ASP B 146 9.18 -14.68 -13.40
C ASP B 146 8.69 -13.25 -13.21
N GLU B 147 7.87 -12.78 -14.13
CA GLU B 147 7.33 -11.43 -14.04
C GLU B 147 6.41 -11.29 -12.85
N VAL B 148 5.59 -12.31 -12.62
CA VAL B 148 4.69 -12.28 -11.47
C VAL B 148 5.51 -12.30 -10.17
N LYS B 149 6.56 -13.12 -10.13
CA LYS B 149 7.47 -13.13 -8.98
C LYS B 149 8.08 -11.73 -8.75
N THR B 150 8.47 -11.06 -9.82
CA THR B 150 8.98 -9.69 -9.67
C THR B 150 7.94 -8.73 -9.12
N LEU B 151 6.70 -8.83 -9.58
CA LEU B 151 5.66 -7.95 -9.09
C LEU B 151 5.38 -8.20 -7.60
N LEU B 152 5.36 -9.48 -7.23
CA LEU B 152 5.22 -9.86 -5.84
C LEU B 152 6.33 -9.28 -4.97
N GLU B 153 7.56 -9.32 -5.49
CA GLU B 153 8.70 -8.76 -4.78
C GLU B 153 8.58 -7.24 -4.59
N LEU B 154 8.07 -6.53 -5.60
CA LEU B 154 7.84 -5.10 -5.44
C LEU B 154 6.81 -4.82 -4.34
N LYS B 155 5.74 -5.62 -4.31
CA LYS B 155 4.72 -5.47 -3.29
C LYS B 155 5.32 -5.72 -1.89
N THR B 156 6.08 -6.80 -1.77
CA THR B 156 6.70 -7.15 -0.48
C THR B 156 7.67 -6.07 0.01
N LYS B 157 8.56 -5.62 -0.87
CA LYS B 157 9.59 -4.67 -0.47
C LYS B 157 9.08 -3.25 -0.30
N TYR B 158 8.16 -2.82 -1.16
CA TYR B 158 7.82 -1.41 -1.25
C TYR B 158 6.36 -1.10 -0.93
N ASN B 159 5.57 -2.15 -0.67
CA ASN B 159 4.15 -2.00 -0.35
C ASN B 159 3.36 -1.36 -1.48
N VAL B 160 3.77 -1.63 -2.71
CA VAL B 160 3.02 -1.12 -3.85
C VAL B 160 1.74 -1.92 -4.09
N ASP B 161 0.65 -1.21 -4.37
CA ASP B 161 -0.61 -1.83 -4.71
C ASP B 161 -0.56 -2.10 -6.20
N VAL B 162 -0.53 -3.36 -6.57
CA VAL B 162 -0.40 -3.76 -7.97
C VAL B 162 -1.68 -4.37 -8.49
N TYR B 163 -2.18 -3.85 -9.61
CA TYR B 163 -3.34 -4.44 -10.28
C TYR B 163 -3.30 -4.27 -11.79
N LEU B 164 -3.96 -5.19 -12.48
CA LEU B 164 -4.14 -5.13 -13.92
C LEU B 164 -5.42 -4.38 -14.24
N GLN B 165 -5.32 -3.43 -15.16
CA GLN B 165 -6.49 -2.69 -15.64
C GLN B 165 -6.15 -1.92 -16.90
N MET B 166 -6.93 -2.14 -17.96
CA MET B 166 -6.59 -1.58 -19.25
C MET B 166 -6.89 -0.08 -19.31
N ILE B 167 -8.14 0.28 -18.98
CA ILE B 167 -8.57 1.66 -18.93
C ILE B 167 -9.39 1.87 -17.66
N PRO B 168 -9.63 3.13 -17.29
CA PRO B 168 -10.21 3.34 -15.95
C PRO B 168 -11.54 2.66 -15.70
N ASP B 169 -12.32 2.39 -16.74
CA ASP B 169 -13.62 1.77 -16.55
C ASP B 169 -13.67 0.28 -16.92
N SER B 170 -12.52 -0.31 -17.22
CA SER B 170 -12.50 -1.73 -17.54
C SER B 170 -12.17 -2.61 -16.31
N GLU B 171 -12.22 -3.93 -16.48
CA GLU B 171 -11.99 -4.86 -15.36
C GLU B 171 -10.65 -4.69 -14.63
N LYS B 172 -10.73 -4.63 -13.31
CA LYS B 172 -9.57 -4.52 -12.45
CA LYS B 172 -9.55 -4.53 -12.46
C LYS B 172 -9.28 -5.87 -11.78
N ILE B 173 -8.09 -6.41 -12.00
CA ILE B 173 -7.68 -7.65 -11.35
C ILE B 173 -6.47 -7.43 -10.46
N HIS B 174 -6.62 -7.57 -9.15
CA HIS B 174 -5.48 -7.42 -8.25
C HIS B 174 -4.44 -8.53 -8.42
N LEU B 175 -3.27 -8.26 -8.13
CA LEU B 175 -2.14 -9.17 -8.22
C LEU B 175 -2.41 -10.46 -7.47
N THR B 176 -2.92 -10.36 -6.25
CA THR B 176 -3.19 -11.58 -5.50
C THR B 176 -4.13 -12.52 -6.23
N THR B 177 -5.10 -11.93 -6.95
CA THR B 177 -6.06 -12.71 -7.74
C THR B 177 -5.38 -13.35 -8.94
N VAL B 178 -4.43 -12.64 -9.52
CA VAL B 178 -3.69 -13.17 -10.65
C VAL B 178 -2.94 -14.42 -10.23
N VAL B 179 -2.28 -14.35 -9.09
CA VAL B 179 -1.53 -15.50 -8.61
C VAL B 179 -2.46 -16.68 -8.36
N GLU B 180 -3.54 -16.43 -7.62
CA GLU B 180 -4.49 -17.48 -7.27
C GLU B 180 -5.09 -18.20 -8.47
N LYS B 181 -5.48 -17.44 -9.49
CA LYS B 181 -6.18 -18.01 -10.63
C LYS B 181 -5.28 -18.48 -11.77
N TYR B 182 -4.16 -17.79 -11.98
CA TYR B 182 -3.35 -18.02 -13.18
C TYR B 182 -1.98 -18.63 -12.91
N PHE B 183 -1.51 -18.55 -11.68
CA PHE B 183 -0.22 -19.13 -11.31
C PHE B 183 -0.25 -19.86 -9.97
N PRO B 184 -1.18 -20.83 -9.84
CA PRO B 184 -1.33 -21.62 -8.62
C PRO B 184 -0.05 -22.40 -8.29
#